data_4HUX
#
_entry.id   4HUX
#
_cell.length_a   92.330
_cell.length_b   111.390
_cell.length_c   58.000
_cell.angle_alpha   90.00
_cell.angle_beta   122.72
_cell.angle_gamma   90.00
#
_symmetry.space_group_name_H-M   'C 1 2 1'
#
loop_
_entity.id
_entity.type
_entity.pdbx_description
1 polymer 'H-2 class I histocompatibility antigen, D-B alpha chain'
2 polymer Beta-2-microglobulin
3 polymer 'NP peptide'
4 non-polymer GLYCEROL
5 non-polymer 'ACETATE ION'
6 water water
#
loop_
_entity_poly.entity_id
_entity_poly.type
_entity_poly.pdbx_seq_one_letter_code
_entity_poly.pdbx_strand_id
1 'polypeptide(L)'
;GPHSMRYFETAVSRPGLEEPRYISVGYVDNKEFVRFDSDAENPRYEPRAPWMEQEGPEYWERETQKAKGQEQWFRVSLRN
LLGYYNQSAGGSHTLQQMSGCDLGSDWRLLRGYLQFAYEGRDYIALNEDLKTWTAADMAAQITRRKWEQSGAAEAYKAYL
EGECVEWLHRYLKNGNATLLRTDSPKAHVTHHPRSKGEVTLRCWALGFYPADITLTWQLNGEELTQDMELVETRPAGDGT
FQKWASVVVPLGKEQNYTCRVYHEGLPEPLTLRWEPPPST
;
A
2 'polypeptide(L)'
;IQKTPQIQVYSRHPPENGKPNILNCYVTQFHPPHIEIQMLKNGKKIPKVEMSDMSFSKDWSFYILAHTEFTPTETDTYAC
RVKHASMAEPKTVYWDRDM
;
B
3 'polypeptide(L)' ASNENMETM C
#
loop_
_chem_comp.id
_chem_comp.type
_chem_comp.name
_chem_comp.formula
ACT non-polymer 'ACETATE ION' 'C2 H3 O2 -1'
GOL non-polymer GLYCEROL 'C3 H8 O3'
#
# COMPACT_ATOMS: atom_id res chain seq x y z
N GLY A 1 12.52 -7.52 -11.45
CA GLY A 1 12.23 -8.93 -11.67
C GLY A 1 10.83 -9.23 -12.16
N PRO A 2 10.67 -10.00 -13.29
CA PRO A 2 9.32 -10.32 -13.81
C PRO A 2 8.32 -10.85 -12.77
N HIS A 3 8.78 -11.79 -11.91
CA HIS A 3 7.97 -12.29 -10.80
C HIS A 3 8.65 -12.02 -9.47
N SER A 4 7.83 -11.81 -8.42
CA SER A 4 8.33 -11.51 -7.08
C SER A 4 7.42 -12.05 -6.00
N MET A 5 8.01 -12.32 -4.81
CA MET A 5 7.34 -12.68 -3.57
C MET A 5 7.93 -11.85 -2.43
N ARG A 6 7.06 -11.24 -1.59
CA ARG A 6 7.44 -10.44 -0.42
C ARG A 6 6.56 -10.71 0.78
N TYR A 7 7.14 -10.62 1.95
CA TYR A 7 6.38 -10.61 3.19
C TYR A 7 6.65 -9.30 3.87
N PHE A 8 5.58 -8.50 4.06
CA PHE A 8 5.55 -7.17 4.70
C PHE A 8 5.05 -7.41 6.13
N GLU A 9 5.92 -7.24 7.12
CA GLU A 9 5.64 -7.57 8.51
C GLU A 9 5.78 -6.32 9.37
N THR A 10 4.83 -6.13 10.30
CA THR A 10 4.81 -4.99 11.19
C THR A 10 4.57 -5.42 12.62
N ALA A 11 5.30 -4.82 13.55
CA ALA A 11 5.06 -5.03 14.97
C ALA A 11 4.95 -3.65 15.61
N VAL A 12 3.81 -3.39 16.20
CA VAL A 12 3.56 -2.12 16.86
C VAL A 12 3.46 -2.37 18.35
N SER A 13 4.35 -1.74 19.13
CA SER A 13 4.34 -1.95 20.57
C SER A 13 3.17 -1.24 21.19
N ARG A 14 2.47 -1.98 22.06
CA ARG A 14 1.26 -1.54 22.75
C ARG A 14 1.66 -1.16 24.19
N PRO A 15 1.54 0.15 24.58
CA PRO A 15 1.92 0.53 25.95
C PRO A 15 1.05 -0.14 27.03
N GLY A 16 1.72 -0.72 28.03
CA GLY A 16 1.11 -1.46 29.14
C GLY A 16 1.23 -2.98 29.01
N LEU A 17 1.19 -3.49 27.76
CA LEU A 17 1.25 -4.91 27.41
C LEU A 17 2.68 -5.44 27.11
N GLU A 18 2.91 -6.73 27.42
CA GLU A 18 4.17 -7.45 27.19
C GLU A 18 4.30 -7.77 25.70
N GLU A 19 3.15 -8.01 25.03
CA GLU A 19 3.00 -8.37 23.62
C GLU A 19 2.66 -7.19 22.70
N PRO A 20 3.31 -7.09 21.53
CA PRO A 20 2.96 -6.01 20.58
C PRO A 20 1.92 -6.51 19.57
N ARG A 21 1.35 -5.62 18.75
CA ARG A 21 0.45 -6.10 17.71
C ARG A 21 1.32 -6.45 16.50
N TYR A 22 1.15 -7.67 15.96
CA TYR A 22 1.92 -8.21 14.85
C TYR A 22 1.06 -8.50 13.66
N ILE A 23 1.46 -7.95 12.51
CA ILE A 23 0.72 -8.14 11.27
C ILE A 23 1.70 -8.56 10.22
N SER A 24 1.36 -9.61 9.47
CA SER A 24 2.20 -10.09 8.37
CA SER A 24 2.20 -10.06 8.37
C SER A 24 1.38 -10.20 7.09
N VAL A 25 1.86 -9.63 5.99
CA VAL A 25 1.14 -9.67 4.72
C VAL A 25 2.05 -10.22 3.62
N GLY A 26 1.59 -11.28 2.95
CA GLY A 26 2.30 -11.89 1.83
C GLY A 26 1.81 -11.32 0.51
N TYR A 27 2.74 -11.14 -0.44
CA TYR A 27 2.44 -10.65 -1.78
C TYR A 27 3.06 -11.52 -2.87
N VAL A 28 2.33 -11.71 -3.99
CA VAL A 28 2.90 -12.33 -5.18
C VAL A 28 2.70 -11.34 -6.30
N ASP A 29 3.82 -10.81 -6.87
CA ASP A 29 3.80 -9.77 -7.91
C ASP A 29 2.96 -8.56 -7.41
N ASN A 30 3.21 -8.16 -6.16
CA ASN A 30 2.54 -7.05 -5.49
C ASN A 30 1.04 -7.21 -5.32
N LYS A 31 0.54 -8.43 -5.38
CA LYS A 31 -0.90 -8.63 -5.11
C LYS A 31 -0.94 -9.47 -3.83
N GLU A 32 -1.70 -9.02 -2.81
CA GLU A 32 -1.81 -9.70 -1.52
C GLU A 32 -2.38 -11.13 -1.66
N PHE A 33 -1.71 -12.13 -1.06
CA PHE A 33 -2.19 -13.50 -1.16
C PHE A 33 -2.44 -14.23 0.18
N VAL A 34 -1.85 -13.73 1.27
CA VAL A 34 -1.99 -14.28 2.63
C VAL A 34 -1.88 -13.11 3.59
N ARG A 35 -2.36 -13.31 4.85
CA ARG A 35 -2.32 -12.33 5.92
C ARG A 35 -2.48 -12.99 7.28
N PHE A 36 -1.73 -12.48 8.25
CA PHE A 36 -1.80 -12.86 9.65
C PHE A 36 -1.93 -11.55 10.43
N ASP A 37 -2.71 -11.57 11.52
CA ASP A 37 -2.95 -10.42 12.40
C ASP A 37 -3.24 -10.94 13.81
N SER A 38 -2.33 -10.68 14.76
CA SER A 38 -2.45 -11.12 16.16
C SER A 38 -3.68 -10.53 16.88
N ASP A 39 -4.33 -9.50 16.27
CA ASP A 39 -5.51 -8.83 16.82
C ASP A 39 -6.81 -9.57 16.48
N ALA A 40 -6.74 -10.55 15.57
CA ALA A 40 -7.89 -11.34 15.15
C ALA A 40 -8.48 -12.17 16.29
N GLU A 41 -9.77 -12.51 16.18
CA GLU A 41 -10.52 -13.37 17.11
C GLU A 41 -9.76 -14.70 17.20
N ASN A 42 -9.44 -15.31 16.03
CA ASN A 42 -8.61 -16.51 15.87
C ASN A 42 -7.33 -16.16 15.06
N PRO A 43 -6.23 -15.70 15.74
CA PRO A 43 -5.01 -15.33 15.00
C PRO A 43 -4.41 -16.49 14.18
N ARG A 44 -4.53 -16.37 12.85
CA ARG A 44 -4.08 -17.40 11.92
C ARG A 44 -3.81 -16.82 10.52
N TYR A 45 -2.84 -17.38 9.78
CA TYR A 45 -2.61 -16.96 8.39
C TYR A 45 -3.86 -17.38 7.60
N GLU A 46 -4.39 -16.47 6.80
CA GLU A 46 -5.63 -16.68 6.06
C GLU A 46 -5.42 -16.43 4.58
N PRO A 47 -6.12 -17.16 3.67
CA PRO A 47 -5.99 -16.86 2.23
C PRO A 47 -6.59 -15.50 1.86
N ARG A 48 -5.91 -14.75 0.99
CA ARG A 48 -6.37 -13.42 0.62
C ARG A 48 -6.48 -13.32 -0.86
N ALA A 49 -6.25 -14.45 -1.52
CA ALA A 49 -6.35 -14.66 -2.97
C ALA A 49 -7.15 -15.95 -3.16
N PRO A 50 -8.09 -16.01 -4.15
CA PRO A 50 -8.91 -17.24 -4.33
C PRO A 50 -8.10 -18.52 -4.58
N TRP A 51 -7.08 -18.43 -5.49
CA TRP A 51 -6.14 -19.50 -5.86
C TRP A 51 -5.33 -20.05 -4.72
N MET A 52 -5.38 -19.39 -3.53
CA MET A 52 -4.67 -19.85 -2.33
C MET A 52 -5.50 -20.83 -1.56
N GLU A 53 -6.85 -20.78 -1.76
CA GLU A 53 -7.84 -21.63 -1.09
C GLU A 53 -7.61 -23.13 -1.28
N GLN A 54 -6.86 -23.52 -2.35
CA GLN A 54 -6.48 -24.89 -2.62
C GLN A 54 -5.44 -25.50 -1.64
N GLU A 55 -4.84 -24.68 -0.76
CA GLU A 55 -3.84 -25.12 0.23
C GLU A 55 -4.54 -25.74 1.44
N GLY A 56 -4.01 -26.90 1.88
CA GLY A 56 -4.54 -27.69 2.98
C GLY A 56 -4.30 -27.16 4.38
N PRO A 57 -4.93 -27.78 5.42
CA PRO A 57 -4.77 -27.29 6.80
C PRO A 57 -3.39 -27.42 7.44
N GLU A 58 -2.50 -28.24 6.85
CA GLU A 58 -1.13 -28.43 7.34
C GLU A 58 -0.28 -27.22 6.97
N TYR A 59 -0.64 -26.55 5.84
CA TYR A 59 0.02 -25.36 5.33
C TYR A 59 -0.23 -24.21 6.29
N TRP A 60 -1.54 -23.87 6.53
CA TRP A 60 -1.97 -22.78 7.42
C TRP A 60 -1.49 -22.95 8.86
N GLU A 61 -1.46 -24.20 9.35
CA GLU A 61 -1.00 -24.50 10.70
C GLU A 61 0.47 -24.15 10.87
N ARG A 62 1.28 -24.50 9.84
CA ARG A 62 2.73 -24.32 9.75
C ARG A 62 3.10 -22.83 9.72
N GLU A 63 2.45 -22.08 8.80
CA GLU A 63 2.58 -20.65 8.60
C GLU A 63 2.18 -19.88 9.84
N THR A 64 1.09 -20.32 10.52
CA THR A 64 0.57 -19.74 11.76
C THR A 64 1.57 -19.96 12.87
N GLN A 65 2.14 -21.17 12.92
CA GLN A 65 3.16 -21.49 13.92
C GLN A 65 4.44 -20.62 13.74
N LYS A 66 4.74 -20.21 12.49
CA LYS A 66 5.87 -19.34 12.15
C LYS A 66 5.57 -17.94 12.68
N ALA A 67 4.39 -17.38 12.31
CA ALA A 67 3.90 -16.09 12.80
C ALA A 67 3.98 -15.97 14.35
N LYS A 68 3.80 -17.08 15.08
CA LYS A 68 3.91 -17.12 16.54
C LYS A 68 5.35 -16.85 16.96
N GLY A 69 6.31 -17.43 16.24
CA GLY A 69 7.72 -17.23 16.49
C GLY A 69 8.18 -15.83 16.11
N GLN A 70 7.63 -15.28 15.01
CA GLN A 70 7.91 -13.93 14.54
C GLN A 70 7.42 -12.89 15.57
N GLU A 71 6.24 -13.19 16.16
CA GLU A 71 5.60 -12.34 17.17
C GLU A 71 6.54 -12.14 18.36
N GLN A 72 7.25 -13.23 18.78
CA GLN A 72 8.18 -13.23 19.89
C GLN A 72 9.49 -12.56 19.55
N TRP A 73 9.97 -12.77 18.31
CA TRP A 73 11.18 -12.19 17.72
C TRP A 73 11.08 -10.64 17.73
N PHE A 74 9.96 -10.09 17.19
CA PHE A 74 9.69 -8.64 17.10
C PHE A 74 9.47 -8.06 18.51
N ARG A 75 8.79 -8.81 19.41
CA ARG A 75 8.59 -8.40 20.81
C ARG A 75 9.91 -8.08 21.52
N VAL A 76 10.91 -8.96 21.37
CA VAL A 76 12.25 -8.84 21.96
C VAL A 76 13.05 -7.77 21.24
N SER A 77 13.02 -7.79 19.89
CA SER A 77 13.76 -6.81 19.08
C SER A 77 13.28 -5.37 19.32
N LEU A 78 11.95 -5.20 19.58
CA LEU A 78 11.36 -3.90 19.94
C LEU A 78 11.95 -3.43 21.28
N ARG A 79 12.00 -4.35 22.29
CA ARG A 79 12.56 -4.12 23.64
CA ARG A 79 12.54 -4.10 23.64
C ARG A 79 14.01 -3.68 23.55
N ASN A 80 14.80 -4.32 22.66
CA ASN A 80 16.21 -4.00 22.48
C ASN A 80 16.41 -2.68 21.79
N LEU A 81 15.53 -2.34 20.82
CA LEU A 81 15.60 -1.06 20.11
C LEU A 81 15.36 0.12 21.04
N LEU A 82 14.58 -0.07 22.14
CA LEU A 82 14.35 0.97 23.15
C LEU A 82 15.66 1.35 23.78
N GLY A 83 16.53 0.36 24.00
CA GLY A 83 17.85 0.55 24.59
C GLY A 83 18.77 1.29 23.66
N TYR A 84 18.81 0.87 22.38
CA TYR A 84 19.70 1.51 21.41
C TYR A 84 19.38 3.00 21.18
N TYR A 85 18.10 3.35 21.31
CA TYR A 85 17.60 4.69 21.06
C TYR A 85 17.20 5.45 22.33
N ASN A 86 17.40 4.84 23.52
CA ASN A 86 17.11 5.42 24.84
C ASN A 86 15.67 5.89 24.97
N GLN A 87 14.73 5.03 24.57
CA GLN A 87 13.30 5.30 24.66
C GLN A 87 12.72 4.59 25.87
N SER A 88 11.50 4.98 26.27
CA SER A 88 10.84 4.35 27.39
C SER A 88 9.67 3.51 26.88
N ALA A 89 9.20 2.57 27.72
CA ALA A 89 8.07 1.67 27.41
C ALA A 89 6.73 2.43 27.20
N GLY A 90 6.54 3.53 27.94
CA GLY A 90 5.36 4.38 27.89
C GLY A 90 4.81 4.77 26.52
N GLY A 91 5.67 4.73 25.49
CA GLY A 91 5.30 5.10 24.13
C GLY A 91 5.09 3.94 23.18
N SER A 92 4.60 4.25 21.96
CA SER A 92 4.40 3.25 20.92
C SER A 92 5.47 3.36 19.85
N HIS A 93 5.99 2.20 19.43
CA HIS A 93 7.09 2.09 18.48
C HIS A 93 6.77 1.11 17.38
N THR A 94 7.35 1.31 16.18
CA THR A 94 7.06 0.48 15.01
C THR A 94 8.30 -0.19 14.41
N LEU A 95 8.23 -1.52 14.29
CA LEU A 95 9.24 -2.34 13.66
C LEU A 95 8.61 -2.94 12.43
N GLN A 96 9.25 -2.73 11.26
CA GLN A 96 8.76 -3.26 9.99
C GLN A 96 9.83 -4.07 9.30
N GLN A 97 9.40 -5.03 8.52
CA GLN A 97 10.31 -5.90 7.79
C GLN A 97 9.71 -6.18 6.43
N MET A 98 10.56 -6.12 5.40
CA MET A 98 10.19 -6.50 4.05
C MET A 98 11.21 -7.51 3.60
N SER A 99 10.73 -8.67 3.10
CA SER A 99 11.64 -9.71 2.66
C SER A 99 11.04 -10.58 1.65
N GLY A 100 11.90 -11.12 0.80
CA GLY A 100 11.49 -12.04 -0.24
C GLY A 100 12.41 -12.09 -1.44
N CYS A 101 11.85 -12.50 -2.58
CA CYS A 101 12.69 -12.68 -3.75
C CYS A 101 12.12 -12.22 -5.06
N ASP A 102 13.02 -11.92 -6.00
CA ASP A 102 12.71 -11.58 -7.39
C ASP A 102 13.25 -12.71 -8.26
N LEU A 103 12.44 -13.17 -9.22
CA LEU A 103 12.88 -14.20 -10.17
C LEU A 103 13.19 -13.51 -11.46
N GLY A 104 14.21 -13.99 -12.14
CA GLY A 104 14.58 -13.43 -13.44
C GLY A 104 13.67 -13.92 -14.55
N SER A 105 14.03 -13.57 -15.80
CA SER A 105 13.31 -13.98 -17.01
C SER A 105 13.45 -15.53 -17.17
N ASP A 106 14.55 -16.11 -16.64
CA ASP A 106 14.81 -17.56 -16.61
C ASP A 106 14.17 -18.27 -15.38
N TRP A 107 13.33 -17.54 -14.61
N TRP A 107 13.34 -17.53 -14.61
CA TRP A 107 12.65 -18.06 -13.41
CA TRP A 107 12.66 -17.94 -13.37
C TRP A 107 13.62 -18.47 -12.27
C TRP A 107 13.60 -18.39 -12.24
N ARG A 108 14.91 -18.14 -12.39
CA ARG A 108 15.93 -18.43 -11.39
C ARG A 108 15.98 -17.21 -10.46
N LEU A 109 16.63 -17.35 -9.30
CA LEU A 109 16.74 -16.22 -8.39
C LEU A 109 17.49 -15.05 -9.01
N LEU A 110 16.80 -13.91 -9.14
CA LEU A 110 17.41 -12.68 -9.62
C LEU A 110 18.16 -12.03 -8.44
N ARG A 111 17.48 -11.89 -7.27
CA ARG A 111 18.02 -11.42 -5.98
C ARG A 111 17.01 -11.52 -4.86
N GLY A 112 17.54 -11.76 -3.67
CA GLY A 112 16.79 -11.82 -2.40
C GLY A 112 16.85 -10.47 -1.69
N TYR A 113 15.80 -10.17 -0.88
CA TYR A 113 15.64 -8.92 -0.12
C TYR A 113 15.39 -9.22 1.34
N LEU A 114 15.97 -8.41 2.21
CA LEU A 114 15.76 -8.46 3.65
C LEU A 114 16.08 -7.09 4.14
N GLN A 115 15.03 -6.33 4.51
CA GLN A 115 15.12 -4.95 4.99
C GLN A 115 14.33 -4.74 6.31
N PHE A 116 14.85 -3.88 7.19
CA PHE A 116 14.23 -3.54 8.46
C PHE A 116 14.15 -2.05 8.59
N ALA A 117 13.07 -1.58 9.24
CA ALA A 117 12.82 -0.19 9.56
C ALA A 117 12.33 -0.08 10.96
N TYR A 118 12.82 0.94 11.66
CA TYR A 118 12.36 1.27 12.98
C TYR A 118 11.83 2.70 12.94
N GLU A 119 10.64 2.97 13.49
CA GLU A 119 10.01 4.32 13.47
C GLU A 119 9.84 4.92 12.05
N GLY A 120 9.62 4.08 11.04
CA GLY A 120 9.41 4.57 9.69
C GLY A 120 10.63 4.90 8.86
N ARG A 121 11.83 4.61 9.39
CA ARG A 121 13.06 4.85 8.67
CA ARG A 121 13.09 4.88 8.72
C ARG A 121 13.95 3.65 8.58
N ASP A 122 14.71 3.58 7.50
CA ASP A 122 15.66 2.49 7.27
C ASP A 122 16.51 2.25 8.50
N TYR A 123 16.59 0.98 8.91
CA TYR A 123 17.39 0.60 10.08
C TYR A 123 18.53 -0.33 9.62
N ILE A 124 18.20 -1.49 9.04
CA ILE A 124 19.21 -2.42 8.55
C ILE A 124 18.66 -3.21 7.37
N ALA A 125 19.48 -3.40 6.34
CA ALA A 125 19.10 -4.14 5.16
C ALA A 125 20.24 -5.12 4.86
N LEU A 126 19.90 -6.31 4.30
CA LEU A 126 20.85 -7.34 3.86
C LEU A 126 21.29 -6.92 2.46
N ASN A 127 22.61 -6.99 2.18
CA ASN A 127 23.11 -6.63 0.85
C ASN A 127 22.80 -7.72 -0.18
N GLU A 128 22.85 -7.37 -1.48
CA GLU A 128 22.60 -8.29 -2.61
C GLU A 128 23.45 -9.60 -2.56
N ASP A 129 24.66 -9.53 -1.96
CA ASP A 129 25.59 -10.65 -1.78
CA ASP A 129 25.56 -10.67 -1.83
C ASP A 129 25.03 -11.69 -0.80
N LEU A 130 24.01 -11.28 0.02
CA LEU A 130 23.32 -12.11 0.98
C LEU A 130 24.22 -12.60 2.11
N LYS A 131 25.26 -11.82 2.43
CA LYS A 131 26.21 -12.10 3.54
C LYS A 131 26.59 -10.85 4.27
N THR A 132 26.63 -9.70 3.55
CA THR A 132 26.92 -8.42 4.21
C THR A 132 25.66 -7.55 4.44
N TRP A 133 25.71 -6.68 5.46
CA TRP A 133 24.62 -5.82 5.90
C TRP A 133 24.94 -4.36 5.68
N THR A 134 23.88 -3.56 5.51
CA THR A 134 24.01 -2.10 5.48
C THR A 134 23.23 -1.60 6.67
N ALA A 135 23.90 -0.90 7.58
CA ALA A 135 23.32 -0.27 8.75
C ALA A 135 23.07 1.16 8.35
N ALA A 136 21.91 1.73 8.75
CA ALA A 136 21.50 3.09 8.37
C ALA A 136 22.18 4.25 9.10
N ASP A 137 22.47 4.07 10.38
CA ASP A 137 23.02 5.09 11.24
C ASP A 137 23.87 4.35 12.27
N MET A 138 24.36 5.06 13.31
CA MET A 138 25.20 4.48 14.36
C MET A 138 24.51 3.45 15.24
N ALA A 139 23.26 3.70 15.65
CA ALA A 139 22.51 2.72 16.47
C ALA A 139 22.38 1.37 15.73
N ALA A 140 22.05 1.43 14.43
CA ALA A 140 21.93 0.25 13.58
C ALA A 140 23.24 -0.61 13.56
N GLN A 141 24.43 0.00 13.88
CA GLN A 141 25.74 -0.68 13.96
C GLN A 141 25.83 -1.77 15.02
N ILE A 142 25.16 -1.58 16.16
CA ILE A 142 25.05 -2.55 17.26
C ILE A 142 24.42 -3.85 16.71
N THR A 143 23.28 -3.74 15.97
CA THR A 143 22.61 -4.90 15.36
C THR A 143 23.53 -5.51 14.30
N ARG A 144 24.06 -4.70 13.36
CA ARG A 144 24.97 -5.17 12.30
C ARG A 144 26.11 -6.01 12.89
N ARG A 145 26.78 -5.49 13.99
CA ARG A 145 27.89 -6.18 14.68
CA ARG A 145 27.88 -6.16 14.68
C ARG A 145 27.42 -7.46 15.32
N LYS A 146 26.25 -7.47 16.01
CA LYS A 146 25.66 -8.65 16.66
C LYS A 146 25.33 -9.74 15.61
N TRP A 147 25.01 -9.32 14.35
CA TRP A 147 24.61 -10.20 13.24
C TRP A 147 25.75 -10.77 12.45
N GLU A 148 26.82 -9.98 12.29
CA GLU A 148 28.07 -10.43 11.66
C GLU A 148 28.71 -11.49 12.63
N GLN A 149 28.83 -11.11 13.91
CA GLN A 149 29.37 -11.94 14.99
C GLN A 149 28.65 -13.27 15.28
N SER A 150 27.42 -13.44 14.74
CA SER A 150 26.64 -14.67 14.87
C SER A 150 26.47 -15.35 13.50
N GLY A 151 26.88 -14.66 12.42
CA GLY A 151 26.73 -15.10 11.03
C GLY A 151 25.26 -15.31 10.66
N ALA A 152 24.38 -14.35 11.08
CA ALA A 152 22.92 -14.43 10.89
C ALA A 152 22.47 -14.48 9.44
N ALA A 153 23.21 -13.81 8.52
CA ALA A 153 22.91 -13.72 7.10
C ALA A 153 22.82 -15.07 6.38
N GLU A 154 23.59 -16.08 6.83
CA GLU A 154 23.65 -17.39 6.20
C GLU A 154 22.28 -18.03 6.20
N ALA A 155 21.64 -18.05 7.36
CA ALA A 155 20.30 -18.58 7.55
C ALA A 155 19.26 -17.89 6.63
N TYR A 156 19.35 -16.56 6.44
CA TYR A 156 18.47 -15.81 5.53
C TYR A 156 18.73 -16.16 4.09
N LYS A 157 20.02 -16.23 3.70
CA LYS A 157 20.51 -16.61 2.36
C LYS A 157 19.86 -17.93 1.88
N ALA A 158 19.83 -18.92 2.75
CA ALA A 158 19.27 -20.24 2.51
C ALA A 158 17.74 -20.16 2.21
N TYR A 159 16.95 -19.44 3.05
CA TYR A 159 15.52 -19.21 2.80
C TYR A 159 15.31 -18.51 1.45
N LEU A 160 16.06 -17.45 1.23
CA LEU A 160 15.95 -16.65 0.02
C LEU A 160 16.24 -17.36 -1.28
N GLU A 161 17.25 -18.24 -1.25
CA GLU A 161 17.66 -19.01 -2.42
C GLU A 161 16.88 -20.32 -2.60
N GLY A 162 16.38 -20.84 -1.49
CA GLY A 162 15.65 -22.10 -1.49
C GLY A 162 14.14 -21.95 -1.43
N GLU A 163 13.57 -22.04 -0.20
CA GLU A 163 12.13 -21.96 0.09
C GLU A 163 11.43 -20.85 -0.66
N CYS A 164 12.02 -19.66 -0.66
CA CYS A 164 11.45 -18.52 -1.33
C CYS A 164 11.19 -18.74 -2.82
N VAL A 165 12.21 -19.23 -3.57
CA VAL A 165 12.16 -19.51 -5.02
C VAL A 165 11.16 -20.69 -5.24
N GLU A 166 11.20 -21.71 -4.37
CA GLU A 166 10.39 -22.92 -4.42
C GLU A 166 8.89 -22.58 -4.36
N TRP A 167 8.49 -21.87 -3.30
CA TRP A 167 7.11 -21.47 -3.09
C TRP A 167 6.66 -20.45 -4.09
N LEU A 168 7.55 -19.56 -4.54
CA LEU A 168 7.13 -18.61 -5.57
C LEU A 168 6.69 -19.36 -6.87
N HIS A 169 7.46 -20.38 -7.26
CA HIS A 169 7.17 -21.28 -8.38
C HIS A 169 5.81 -21.93 -8.19
N ARG A 170 5.54 -22.46 -7.00
CA ARG A 170 4.23 -23.05 -6.71
C ARG A 170 3.07 -22.05 -6.89
N TYR A 171 3.18 -20.86 -6.24
CA TYR A 171 2.15 -19.83 -6.23
C TYR A 171 1.82 -19.29 -7.62
N LEU A 172 2.83 -19.20 -8.50
CA LEU A 172 2.68 -18.78 -9.89
C LEU A 172 1.93 -19.87 -10.69
N LYS A 173 2.17 -21.15 -10.35
CA LYS A 173 1.51 -22.27 -11.02
C LYS A 173 0.06 -22.29 -10.61
N ASN A 174 -0.21 -22.27 -9.28
CA ASN A 174 -1.56 -22.28 -8.71
C ASN A 174 -2.38 -21.03 -9.02
N GLY A 175 -1.71 -19.89 -9.19
CA GLY A 175 -2.34 -18.61 -9.47
C GLY A 175 -2.55 -18.24 -10.92
N ASN A 176 -2.00 -19.06 -11.84
CA ASN A 176 -2.09 -18.97 -13.31
C ASN A 176 -2.53 -17.66 -14.04
N ALA A 177 -3.84 -17.56 -14.43
CA ALA A 177 -4.44 -16.45 -15.20
C ALA A 177 -4.65 -15.10 -14.48
N THR A 178 -4.86 -15.12 -13.15
CA THR A 178 -5.08 -13.91 -12.32
C THR A 178 -3.85 -13.00 -12.26
N LEU A 179 -2.64 -13.56 -12.41
CA LEU A 179 -1.41 -12.76 -12.38
C LEU A 179 -1.29 -11.84 -13.61
N LEU A 180 -1.42 -12.41 -14.83
CA LEU A 180 -1.34 -11.70 -16.13
C LEU A 180 -2.56 -10.85 -16.48
N ARG A 181 -3.69 -11.09 -15.78
CA ARG A 181 -5.01 -10.47 -15.90
C ARG A 181 -4.99 -8.94 -15.91
N THR A 182 -5.79 -8.34 -16.81
CA THR A 182 -5.87 -6.90 -16.95
C THR A 182 -7.32 -6.43 -17.17
N ASP A 183 -7.57 -5.13 -16.93
CA ASP A 183 -8.85 -4.45 -17.17
C ASP A 183 -8.55 -3.13 -17.87
N SER A 184 -9.17 -2.93 -19.04
CA SER A 184 -9.05 -1.71 -19.85
CA SER A 184 -9.01 -1.71 -19.83
C SER A 184 -9.73 -0.50 -19.15
N PRO A 185 -9.16 0.74 -19.26
CA PRO A 185 -9.85 1.89 -18.65
C PRO A 185 -11.01 2.38 -19.49
N LYS A 186 -11.98 2.99 -18.80
CA LYS A 186 -13.14 3.62 -19.40
C LYS A 186 -12.89 5.10 -19.24
N ALA A 187 -12.54 5.72 -20.36
CA ALA A 187 -12.20 7.13 -20.44
C ALA A 187 -13.38 8.00 -20.85
N HIS A 188 -13.42 9.22 -20.28
CA HIS A 188 -14.37 10.29 -20.51
C HIS A 188 -13.74 11.63 -20.15
N VAL A 189 -14.23 12.73 -20.77
CA VAL A 189 -13.73 14.09 -20.55
C VAL A 189 -14.86 14.93 -19.99
N THR A 190 -14.62 15.58 -18.85
CA THR A 190 -15.59 16.48 -18.22
C THR A 190 -15.20 17.94 -18.48
N HIS A 191 -16.22 18.82 -18.54
CA HIS A 191 -16.01 20.24 -18.78
C HIS A 191 -16.43 21.06 -17.57
N HIS A 192 -15.50 21.87 -17.06
CA HIS A 192 -15.76 22.72 -15.89
C HIS A 192 -15.30 24.16 -16.16
N PRO A 193 -16.17 25.19 -15.97
CA PRO A 193 -15.69 26.58 -16.19
C PRO A 193 -14.75 27.00 -15.07
N ARG A 194 -13.61 27.63 -15.42
CA ARG A 194 -12.57 28.04 -14.46
C ARG A 194 -12.61 29.52 -14.06
N SER A 195 -12.52 30.44 -15.05
CA SER A 195 -12.52 31.90 -14.85
C SER A 195 -13.15 32.58 -16.06
N LYS A 196 -12.58 33.72 -16.53
CA LYS A 196 -13.04 34.44 -17.71
C LYS A 196 -12.08 34.17 -18.86
N GLY A 197 -12.63 33.63 -19.95
CA GLY A 197 -11.88 33.27 -21.15
C GLY A 197 -11.01 32.05 -20.97
N GLU A 198 -11.39 31.17 -20.02
CA GLU A 198 -10.69 29.93 -19.68
C GLU A 198 -11.65 28.84 -19.19
N VAL A 199 -11.25 27.56 -19.40
CA VAL A 199 -11.99 26.37 -18.98
C VAL A 199 -11.03 25.25 -18.54
N THR A 200 -11.50 24.38 -17.64
CA THR A 200 -10.76 23.23 -17.16
C THR A 200 -11.38 21.96 -17.72
N LEU A 201 -10.56 21.19 -18.46
CA LEU A 201 -10.94 19.94 -19.11
C LEU A 201 -10.25 18.82 -18.39
N ARG A 202 -11.04 17.91 -17.81
CA ARG A 202 -10.56 16.80 -16.99
C ARG A 202 -10.75 15.48 -17.71
N CYS A 203 -9.67 14.72 -17.84
CA CYS A 203 -9.73 13.41 -18.46
C CYS A 203 -9.62 12.34 -17.41
N TRP A 204 -10.73 11.59 -17.25
CA TRP A 204 -10.87 10.50 -16.31
C TRP A 204 -10.57 9.18 -16.97
N ALA A 205 -9.93 8.30 -16.19
CA ALA A 205 -9.57 6.93 -16.49
C ALA A 205 -10.17 6.20 -15.30
N LEU A 206 -11.11 5.27 -15.57
CA LEU A 206 -11.83 4.51 -14.54
C LEU A 206 -11.94 3.03 -14.85
N GLY A 207 -12.07 2.22 -13.82
CA GLY A 207 -12.25 0.77 -13.94
C GLY A 207 -11.09 -0.03 -14.50
N PHE A 208 -9.87 0.46 -14.33
CA PHE A 208 -8.69 -0.23 -14.82
C PHE A 208 -7.89 -1.02 -13.79
N TYR A 209 -7.22 -2.06 -14.29
CA TYR A 209 -6.36 -2.93 -13.52
C TYR A 209 -5.26 -3.49 -14.45
N PRO A 210 -3.97 -3.56 -14.02
CA PRO A 210 -3.38 -3.09 -12.75
C PRO A 210 -3.35 -1.56 -12.65
N ALA A 211 -2.81 -1.04 -11.52
CA ALA A 211 -2.79 0.40 -11.22
C ALA A 211 -1.96 1.28 -12.15
N ASP A 212 -0.98 0.69 -12.89
CA ASP A 212 -0.12 1.43 -13.82
C ASP A 212 -0.92 1.93 -14.99
N ILE A 213 -0.77 3.24 -15.27
CA ILE A 213 -1.46 3.99 -16.33
C ILE A 213 -0.71 5.30 -16.59
N THR A 214 -1.02 5.93 -17.75
CA THR A 214 -0.44 7.17 -18.22
C THR A 214 -1.49 7.95 -18.97
N LEU A 215 -1.80 9.12 -18.43
CA LEU A 215 -2.73 10.07 -19.02
C LEU A 215 -1.94 11.30 -19.40
N THR A 216 -2.14 11.77 -20.64
CA THR A 216 -1.47 12.96 -21.17
C THR A 216 -2.46 13.89 -21.89
N TRP A 217 -1.99 15.10 -22.21
CA TRP A 217 -2.75 16.13 -22.90
C TRP A 217 -1.97 16.73 -24.08
N GLN A 218 -2.69 17.02 -25.19
CA GLN A 218 -2.11 17.59 -26.40
C GLN A 218 -2.99 18.70 -26.99
N LEU A 219 -2.35 19.75 -27.58
CA LEU A 219 -2.93 20.90 -28.33
C LEU A 219 -2.22 20.88 -29.68
N ASN A 220 -2.99 20.53 -30.75
CA ASN A 220 -2.49 20.37 -32.11
C ASN A 220 -1.28 19.38 -32.15
N GLY A 221 -1.41 18.27 -31.40
CA GLY A 221 -0.43 17.20 -31.28
C GLY A 221 0.82 17.43 -30.46
N GLU A 222 0.83 18.45 -29.58
CA GLU A 222 2.00 18.77 -28.75
C GLU A 222 1.83 18.53 -27.22
N GLU A 223 2.85 17.86 -26.60
CA GLU A 223 2.94 17.48 -25.18
C GLU A 223 2.98 18.69 -24.23
N LEU A 224 2.35 18.55 -23.02
CA LEU A 224 2.23 19.60 -21.98
C LEU A 224 2.66 19.08 -20.57
N THR A 225 3.97 19.21 -20.22
CA THR A 225 4.53 18.73 -18.93
C THR A 225 4.01 19.41 -17.62
N GLN A 226 4.52 20.62 -17.30
CA GLN A 226 4.20 21.38 -16.07
C GLN A 226 2.81 22.02 -15.99
N ASP A 227 2.27 22.48 -17.13
CA ASP A 227 0.95 23.14 -17.22
C ASP A 227 -0.29 22.21 -17.09
N MET A 228 -0.05 20.91 -16.78
CA MET A 228 -1.07 19.87 -16.62
C MET A 228 -1.13 19.38 -15.16
N GLU A 229 -2.36 19.34 -14.56
CA GLU A 229 -2.58 18.85 -13.19
C GLU A 229 -3.29 17.51 -13.12
N LEU A 230 -2.78 16.60 -12.29
CA LEU A 230 -3.34 15.25 -12.13
C LEU A 230 -3.52 14.85 -10.64
N VAL A 231 -4.19 13.69 -10.40
CA VAL A 231 -4.32 13.08 -9.07
C VAL A 231 -3.49 11.81 -9.09
N GLU A 232 -3.09 11.34 -7.90
CA GLU A 232 -2.39 10.07 -7.73
C GLU A 232 -3.42 8.91 -7.94
N THR A 233 -2.95 7.77 -8.47
CA THR A 233 -3.79 6.59 -8.76
C THR A 233 -4.42 6.09 -7.48
N ARG A 234 -5.73 6.02 -7.51
CA ARG A 234 -6.51 5.73 -6.33
C ARG A 234 -7.41 4.54 -6.53
N PRO A 235 -7.54 3.65 -5.52
CA PRO A 235 -8.42 2.49 -5.69
C PRO A 235 -9.92 2.89 -5.66
N ALA A 236 -10.74 2.26 -6.52
CA ALA A 236 -12.21 2.53 -6.53
C ALA A 236 -12.85 1.74 -5.37
N GLY A 237 -12.15 0.71 -4.93
CA GLY A 237 -12.56 -0.14 -3.83
C GLY A 237 -13.17 -1.42 -4.32
N ASP A 238 -13.32 -1.54 -5.65
CA ASP A 238 -13.88 -2.75 -6.30
C ASP A 238 -12.82 -3.58 -6.99
N GLY A 239 -11.57 -3.21 -6.81
CA GLY A 239 -10.45 -3.93 -7.41
C GLY A 239 -9.81 -3.14 -8.53
N THR A 240 -10.58 -2.19 -9.07
CA THR A 240 -10.13 -1.33 -10.15
C THR A 240 -9.47 -0.05 -9.58
N PHE A 241 -8.95 0.81 -10.48
CA PHE A 241 -8.29 2.04 -10.12
C PHE A 241 -8.83 3.17 -10.91
N GLN A 242 -8.54 4.37 -10.42
CA GLN A 242 -8.97 5.61 -11.05
C GLN A 242 -7.79 6.52 -11.09
N LYS A 243 -7.83 7.43 -12.02
CA LYS A 243 -6.86 8.48 -12.19
C LYS A 243 -7.48 9.49 -13.10
N TRP A 244 -7.12 10.76 -12.89
CA TRP A 244 -7.52 11.81 -13.80
C TRP A 244 -6.38 12.77 -14.06
N ALA A 245 -6.46 13.51 -15.17
CA ALA A 245 -5.49 14.55 -15.53
C ALA A 245 -6.29 15.70 -16.13
N SER A 246 -5.93 16.93 -15.76
CA SER A 246 -6.64 18.11 -16.25
C SER A 246 -5.72 19.22 -16.70
N VAL A 247 -6.22 19.99 -17.66
CA VAL A 247 -5.55 21.17 -18.21
C VAL A 247 -6.47 22.36 -18.13
N VAL A 248 -5.92 23.51 -17.69
CA VAL A 248 -6.65 24.77 -17.67
C VAL A 248 -6.31 25.40 -19.01
N VAL A 249 -7.32 25.46 -19.90
CA VAL A 249 -7.12 25.92 -21.27
C VAL A 249 -8.15 26.97 -21.77
N PRO A 250 -7.69 28.05 -22.49
CA PRO A 250 -8.67 29.04 -23.00
C PRO A 250 -9.60 28.45 -24.08
N LEU A 251 -10.91 28.76 -24.00
CA LEU A 251 -11.99 28.27 -24.87
C LEU A 251 -11.63 28.03 -26.35
N GLN A 255 -13.08 22.22 -28.65
CA GLN A 255 -12.15 21.16 -29.05
C GLN A 255 -10.71 21.69 -29.15
N ASN A 256 -9.94 21.22 -30.18
CA ASN A 256 -8.52 21.53 -30.45
C ASN A 256 -7.60 21.08 -29.31
N TYR A 257 -8.13 20.14 -28.50
CA TYR A 257 -7.48 19.55 -27.34
C TYR A 257 -7.78 18.05 -27.26
N THR A 258 -6.70 17.24 -27.22
CA THR A 258 -6.79 15.76 -27.17
C THR A 258 -6.11 15.15 -25.93
N CYS A 259 -6.66 14.02 -25.46
CA CYS A 259 -6.13 13.26 -24.34
C CYS A 259 -5.74 11.86 -24.74
N ARG A 260 -4.58 11.40 -24.26
CA ARG A 260 -4.08 10.06 -24.56
C ARG A 260 -3.97 9.15 -23.34
N VAL A 261 -4.74 8.05 -23.35
CA VAL A 261 -4.80 7.05 -22.28
C VAL A 261 -3.90 5.84 -22.63
N TYR A 262 -2.94 5.55 -21.77
CA TYR A 262 -2.02 4.44 -21.97
C TYR A 262 -2.13 3.41 -20.84
N HIS A 263 -2.63 2.20 -21.17
CA HIS A 263 -2.77 1.08 -20.24
C HIS A 263 -2.45 -0.25 -20.92
N GLU A 264 -1.69 -1.13 -20.24
CA GLU A 264 -1.30 -2.47 -20.72
C GLU A 264 -2.49 -3.39 -21.11
N GLY A 265 -3.69 -3.02 -20.67
CA GLY A 265 -4.91 -3.76 -20.95
C GLY A 265 -5.59 -3.33 -22.24
N LEU A 266 -5.17 -2.20 -22.80
CA LEU A 266 -5.74 -1.67 -24.05
C LEU A 266 -5.14 -2.35 -25.29
N PRO A 267 -5.96 -2.64 -26.33
CA PRO A 267 -5.40 -3.25 -27.56
C PRO A 267 -4.49 -2.24 -28.30
N GLU A 268 -4.83 -0.97 -28.15
CA GLU A 268 -4.02 0.19 -28.52
C GLU A 268 -4.48 1.36 -27.70
N PRO A 269 -3.57 2.31 -27.48
CA PRO A 269 -3.84 3.57 -26.78
C PRO A 269 -5.13 4.23 -27.17
N LEU A 270 -5.60 5.08 -26.29
CA LEU A 270 -6.89 5.66 -26.38
C LEU A 270 -6.71 7.13 -26.52
N THR A 271 -7.48 7.73 -27.40
CA THR A 271 -7.35 9.13 -27.69
C THR A 271 -8.71 9.75 -27.61
N LEU A 272 -8.82 10.85 -26.89
CA LEU A 272 -10.11 11.30 -26.45
C LEU A 272 -10.24 12.80 -26.46
N ARG A 273 -11.45 13.27 -26.67
CA ARG A 273 -11.70 14.70 -26.75
C ARG A 273 -13.10 15.11 -26.38
N TRP A 274 -13.25 16.39 -26.09
CA TRP A 274 -14.46 16.92 -25.55
C TRP A 274 -15.64 16.70 -26.47
N GLU A 275 -16.76 16.31 -25.88
CA GLU A 275 -18.05 16.04 -26.55
C GLU A 275 -18.84 17.34 -26.59
N PRO A 276 -20.17 17.35 -26.78
CA PRO A 276 -20.79 18.58 -27.19
C PRO A 276 -20.12 19.65 -26.39
N GLN B 2 7.81 10.54 11.78
CA GLN B 2 6.43 10.89 11.41
C GLN B 2 6.29 11.45 9.99
N LYS B 3 5.24 11.00 9.30
CA LYS B 3 4.90 11.42 7.94
C LYS B 3 3.42 11.86 7.98
N THR B 4 3.10 13.13 7.53
CA THR B 4 1.70 13.64 7.52
C THR B 4 0.84 12.97 6.45
N PRO B 5 -0.37 12.48 6.84
CA PRO B 5 -1.21 11.78 5.86
C PRO B 5 -1.78 12.61 4.70
N GLN B 6 -1.72 12.03 3.51
CA GLN B 6 -2.26 12.54 2.24
C GLN B 6 -3.65 11.94 2.13
N ILE B 7 -4.63 12.73 1.70
CA ILE B 7 -6.01 12.27 1.62
C ILE B 7 -6.60 12.57 0.27
N GLN B 8 -7.38 11.64 -0.22
CA GLN B 8 -8.20 11.80 -1.41
C GLN B 8 -9.58 11.35 -0.98
N VAL B 9 -10.60 12.16 -1.26
CA VAL B 9 -12.03 11.93 -1.00
C VAL B 9 -12.74 11.92 -2.40
N TYR B 10 -13.42 10.80 -2.75
CA TYR B 10 -13.95 10.59 -4.09
C TYR B 10 -14.92 9.40 -4.17
N SER B 11 -15.87 9.46 -5.10
CA SER B 11 -16.86 8.39 -5.26
C SER B 11 -16.31 7.20 -6.06
N ARG B 12 -16.77 5.97 -5.75
CA ARG B 12 -16.32 4.80 -6.49
C ARG B 12 -16.74 4.89 -7.96
N HIS B 13 -17.97 5.32 -8.19
CA HIS B 13 -18.56 5.45 -9.50
C HIS B 13 -18.88 6.93 -9.79
N PRO B 14 -18.98 7.36 -11.07
CA PRO B 14 -19.37 8.77 -11.32
C PRO B 14 -20.69 9.10 -10.59
N PRO B 15 -20.73 10.25 -9.87
CA PRO B 15 -21.95 10.56 -9.10
C PRO B 15 -23.16 11.01 -9.91
N GLU B 16 -24.34 10.65 -9.42
CA GLU B 16 -25.62 11.01 -10.03
C GLU B 16 -26.60 11.17 -8.89
N ASN B 17 -27.20 12.36 -8.79
CA ASN B 17 -28.16 12.69 -7.72
C ASN B 17 -29.24 11.64 -7.62
N GLY B 18 -29.35 11.02 -6.44
CA GLY B 18 -30.33 9.98 -6.16
C GLY B 18 -29.92 8.53 -6.38
N LYS B 19 -28.77 8.30 -7.03
CA LYS B 19 -28.25 6.96 -7.31
C LYS B 19 -27.30 6.51 -6.21
N PRO B 20 -27.59 5.37 -5.53
CA PRO B 20 -26.64 4.86 -4.52
C PRO B 20 -25.23 4.65 -5.09
N ASN B 21 -24.21 4.88 -4.27
CA ASN B 21 -22.80 4.90 -4.66
C ASN B 21 -21.96 4.66 -3.42
N ILE B 22 -20.65 4.59 -3.61
CA ILE B 22 -19.69 4.42 -2.52
C ILE B 22 -18.79 5.66 -2.45
N LEU B 23 -18.66 6.24 -1.26
CA LEU B 23 -17.78 7.40 -1.08
C LEU B 23 -16.52 6.93 -0.45
N ASN B 24 -15.39 7.23 -1.07
CA ASN B 24 -14.12 6.76 -0.55
C ASN B 24 -13.23 7.79 0.12
N CYS B 25 -12.49 7.36 1.16
CA CYS B 25 -11.45 8.20 1.74
C CYS B 25 -10.09 7.47 1.83
N TYR B 26 -9.22 7.70 0.85
CA TYR B 26 -7.92 7.04 0.71
C TYR B 26 -6.82 7.85 1.41
N VAL B 27 -6.34 7.32 2.54
CA VAL B 27 -5.34 7.97 3.35
C VAL B 27 -4.01 7.25 3.17
N THR B 28 -2.98 7.97 2.73
CA THR B 28 -1.67 7.41 2.45
C THR B 28 -0.56 8.26 3.03
N GLN B 29 0.67 7.72 2.91
CA GLN B 29 1.91 8.34 3.31
C GLN B 29 2.00 8.70 4.77
N PHE B 30 1.39 7.91 5.67
CA PHE B 30 1.45 8.21 7.12
C PHE B 30 2.29 7.21 7.93
N HIS B 31 2.90 7.71 9.00
CA HIS B 31 3.72 6.93 9.93
C HIS B 31 3.72 7.70 11.21
N PRO B 32 3.43 7.12 12.41
CA PRO B 32 3.09 5.72 12.76
C PRO B 32 1.75 5.17 12.21
N PRO B 33 1.51 3.84 12.22
CA PRO B 33 0.24 3.31 11.70
C PRO B 33 -1.05 3.78 12.39
N HIS B 34 -1.04 4.06 13.72
N HIS B 34 -0.98 4.21 13.67
CA HIS B 34 -2.26 4.51 14.39
CA HIS B 34 -2.11 4.72 14.46
C HIS B 34 -2.74 5.86 13.83
C HIS B 34 -2.71 5.95 13.77
N ILE B 35 -3.97 5.86 13.32
CA ILE B 35 -4.67 6.95 12.66
C ILE B 35 -6.15 6.89 13.02
N GLU B 36 -6.86 8.02 12.93
CA GLU B 36 -8.27 8.11 13.19
C GLU B 36 -8.90 8.74 11.98
N ILE B 37 -9.76 7.98 11.33
CA ILE B 37 -10.43 8.46 10.12
C ILE B 37 -11.94 8.49 10.34
N GLN B 38 -12.55 9.63 10.02
CA GLN B 38 -13.97 9.89 10.12
C GLN B 38 -14.44 10.49 8.84
N MET B 39 -15.63 10.04 8.41
CA MET B 39 -16.30 10.56 7.23
C MET B 39 -17.51 11.30 7.73
N LEU B 40 -17.77 12.47 7.16
CA LEU B 40 -18.86 13.31 7.62
C LEU B 40 -19.80 13.70 6.52
N LYS B 41 -21.05 13.84 6.89
CA LYS B 41 -22.14 14.31 6.04
C LYS B 41 -22.75 15.48 6.77
N ASN B 42 -22.74 16.65 6.15
CA ASN B 42 -23.30 17.88 6.72
C ASN B 42 -22.78 18.14 8.15
N GLY B 43 -21.48 17.94 8.34
CA GLY B 43 -20.80 18.13 9.62
C GLY B 43 -21.15 17.16 10.71
N LYS B 44 -21.69 16.00 10.33
CA LYS B 44 -22.06 14.98 11.28
C LYS B 44 -21.34 13.72 10.88
N LYS B 45 -20.83 13.01 11.90
CA LYS B 45 -20.09 11.77 11.74
CA LYS B 45 -20.10 11.76 11.74
C LYS B 45 -20.97 10.69 11.12
N ILE B 46 -20.46 9.98 10.10
CA ILE B 46 -21.21 8.87 9.48
C ILE B 46 -20.84 7.60 10.29
N PRO B 47 -21.83 6.87 10.89
CA PRO B 47 -21.48 5.68 11.70
C PRO B 47 -21.03 4.45 10.90
N LYS B 48 -21.55 4.26 9.70
CA LYS B 48 -21.26 3.07 8.90
C LYS B 48 -20.12 3.34 7.93
N VAL B 49 -18.88 3.17 8.43
CA VAL B 49 -17.65 3.38 7.67
C VAL B 49 -16.79 2.14 7.71
N GLU B 50 -16.53 1.58 6.54
CA GLU B 50 -15.68 0.40 6.39
C GLU B 50 -14.22 0.86 6.18
N MET B 51 -13.27 0.17 6.84
CA MET B 51 -11.83 0.40 6.72
C MET B 51 -11.21 -0.79 6.04
N SER B 52 -10.26 -0.54 5.11
CA SER B 52 -9.45 -1.60 4.51
C SER B 52 -8.48 -2.03 5.63
N ASP B 53 -7.79 -3.16 5.45
CA ASP B 53 -6.84 -3.65 6.42
C ASP B 53 -5.57 -2.87 6.27
N MET B 54 -4.84 -2.66 7.36
N MET B 54 -4.73 -2.94 7.33
CA MET B 54 -3.66 -1.84 7.18
CA MET B 54 -3.41 -2.33 7.49
C MET B 54 -2.46 -2.53 6.58
C MET B 54 -2.44 -2.80 6.39
N SER B 55 -1.90 -1.84 5.60
CA SER B 55 -0.88 -2.14 4.63
C SER B 55 0.14 -1.03 4.61
N PHE B 56 1.35 -1.35 4.15
CA PHE B 56 2.40 -0.35 4.03
C PHE B 56 3.08 -0.43 2.68
N SER B 57 3.67 0.66 2.20
CA SER B 57 4.35 0.70 0.89
C SER B 57 5.84 0.42 1.08
N LYS B 58 6.60 0.35 -0.06
CA LYS B 58 8.05 0.16 -0.08
C LYS B 58 8.83 1.26 0.71
N ASP B 59 8.27 2.49 0.84
CA ASP B 59 8.91 3.57 1.60
C ASP B 59 8.59 3.48 3.10
N TRP B 60 7.93 2.39 3.52
CA TRP B 60 7.53 2.07 4.90
C TRP B 60 6.27 2.78 5.39
N SER B 61 5.73 3.76 4.65
CA SER B 61 4.53 4.47 5.10
C SER B 61 3.26 3.63 4.92
N PHE B 62 2.25 3.87 5.75
CA PHE B 62 1.00 3.14 5.73
C PHE B 62 -0.05 3.79 4.82
N TYR B 63 -1.02 2.99 4.41
CA TYR B 63 -2.14 3.43 3.62
C TYR B 63 -3.38 2.67 4.03
N ILE B 64 -4.52 3.29 3.89
CA ILE B 64 -5.79 2.71 4.28
C ILE B 64 -6.93 3.35 3.50
N LEU B 65 -7.82 2.53 2.96
CA LEU B 65 -8.99 3.03 2.29
C LEU B 65 -10.18 2.90 3.24
N ALA B 66 -10.83 4.04 3.54
CA ALA B 66 -12.07 4.09 4.30
C ALA B 66 -13.17 4.41 3.29
N HIS B 67 -14.33 3.76 3.42
CA HIS B 67 -15.45 4.02 2.52
C HIS B 67 -16.78 3.84 3.23
N THR B 68 -17.82 4.46 2.66
CA THR B 68 -19.21 4.44 3.13
C THR B 68 -20.17 4.51 1.93
N GLU B 69 -21.33 3.88 2.08
CA GLU B 69 -22.43 3.87 1.10
C GLU B 69 -23.05 5.23 1.18
N PHE B 70 -23.33 5.86 0.04
CA PHE B 70 -23.96 7.17 0.03
C PHE B 70 -24.75 7.38 -1.24
N THR B 71 -25.77 8.21 -1.16
CA THR B 71 -26.61 8.52 -2.29
C THR B 71 -26.43 10.02 -2.42
N PRO B 72 -25.59 10.49 -3.38
CA PRO B 72 -25.38 11.93 -3.49
C PRO B 72 -26.65 12.70 -3.86
N THR B 73 -26.75 13.94 -3.34
CA THR B 73 -27.82 14.89 -3.61
C THR B 73 -27.14 16.19 -3.99
N GLU B 74 -27.93 17.14 -4.48
CA GLU B 74 -27.48 18.45 -4.90
C GLU B 74 -26.96 19.25 -3.70
N THR B 75 -27.60 19.12 -2.54
CA THR B 75 -27.28 19.91 -1.34
C THR B 75 -26.36 19.35 -0.29
N ASP B 76 -26.43 18.03 -0.04
CA ASP B 76 -25.57 17.37 0.94
C ASP B 76 -24.07 17.53 0.69
N THR B 77 -23.32 17.70 1.79
CA THR B 77 -21.87 17.88 1.80
C THR B 77 -21.26 16.68 2.47
N TYR B 78 -20.11 16.24 1.95
CA TYR B 78 -19.35 15.12 2.48
C TYR B 78 -17.93 15.49 2.75
N ALA B 79 -17.39 15.00 3.85
CA ALA B 79 -15.97 15.25 4.14
C ALA B 79 -15.32 14.08 4.81
N CYS B 80 -13.98 14.06 4.81
CA CYS B 80 -13.26 13.06 5.54
C CYS B 80 -12.31 13.82 6.49
N ARG B 81 -12.30 13.46 7.77
CA ARG B 81 -11.48 14.13 8.76
C ARG B 81 -10.49 13.15 9.36
N VAL B 82 -9.21 13.53 9.34
CA VAL B 82 -8.11 12.65 9.77
C VAL B 82 -7.34 13.21 10.97
N LYS B 83 -7.22 12.39 12.00
CA LYS B 83 -6.45 12.71 13.20
CA LYS B 83 -6.47 12.70 13.22
C LYS B 83 -5.20 11.84 13.19
N HIS B 84 -4.04 12.48 13.29
CA HIS B 84 -2.78 11.70 13.26
C HIS B 84 -1.76 12.45 14.09
N ALA B 85 -0.85 11.70 14.76
CA ALA B 85 0.24 12.18 15.63
C ALA B 85 1.08 13.25 14.96
N SER B 86 1.36 13.09 13.64
CA SER B 86 2.13 14.04 12.84
C SER B 86 1.48 15.44 12.69
N MET B 87 0.18 15.57 13.01
CA MET B 87 -0.55 16.82 12.87
C MET B 87 -1.03 17.33 14.22
N ALA B 88 -0.89 18.65 14.44
CA ALA B 88 -1.32 19.29 15.68
C ALA B 88 -2.85 19.34 15.77
N GLU B 89 -3.47 19.46 14.58
CA GLU B 89 -4.92 19.55 14.41
CA GLU B 89 -4.91 19.58 14.39
C GLU B 89 -5.42 18.52 13.39
N PRO B 90 -6.73 18.14 13.38
CA PRO B 90 -7.19 17.18 12.38
C PRO B 90 -7.24 17.85 11.00
N LYS B 91 -7.10 17.05 9.94
CA LYS B 91 -7.17 17.53 8.59
C LYS B 91 -8.47 17.00 7.97
N THR B 92 -9.29 17.91 7.46
CA THR B 92 -10.55 17.62 6.80
C THR B 92 -10.42 17.87 5.32
N VAL B 93 -10.92 16.95 4.52
CA VAL B 93 -10.95 17.09 3.05
C VAL B 93 -12.40 16.86 2.67
N TYR B 94 -12.94 17.76 1.86
CA TYR B 94 -14.30 17.70 1.35
C TYR B 94 -14.35 16.96 0.05
N TRP B 95 -15.47 16.30 -0.20
CA TRP B 95 -15.70 15.67 -1.48
C TRP B 95 -16.14 16.76 -2.48
N ASP B 96 -15.48 16.77 -3.63
CA ASP B 96 -15.81 17.57 -4.80
C ASP B 96 -16.21 16.56 -5.89
N ARG B 97 -17.49 16.57 -6.32
CA ARG B 97 -18.03 15.67 -7.34
C ARG B 97 -17.32 15.69 -8.70
N ASP B 98 -16.59 16.80 -8.98
CA ASP B 98 -15.83 17.04 -10.21
C ASP B 98 -14.37 16.61 -10.10
N MET B 99 -14.01 15.93 -8.98
CA MET B 99 -12.63 15.50 -8.72
C MET B 99 -12.52 14.11 -8.08
N ALA C 1 5.45 -19.21 1.18
CA ALA C 1 5.76 -19.54 2.57
C ALA C 1 6.68 -18.51 3.19
N SER C 2 6.32 -18.04 4.36
CA SER C 2 7.07 -17.03 5.10
C SER C 2 8.32 -17.63 5.76
N ASN C 3 9.21 -16.77 6.22
CA ASN C 3 10.44 -17.17 6.90
C ASN C 3 10.37 -16.77 8.35
N GLU C 4 11.17 -17.44 9.17
CA GLU C 4 11.33 -17.14 10.58
C GLU C 4 12.69 -16.50 10.77
N ASN C 5 12.72 -15.31 11.39
CA ASN C 5 13.97 -14.59 11.65
C ASN C 5 14.88 -15.34 12.64
N MET C 6 16.16 -15.09 12.57
CA MET C 6 17.11 -15.80 13.44
C MET C 6 17.44 -14.98 14.69
N GLU C 7 18.67 -14.42 14.74
CA GLU C 7 19.12 -13.58 15.83
C GLU C 7 18.25 -12.33 15.92
N THR C 8 17.87 -11.95 17.14
CA THR C 8 17.09 -10.75 17.40
C THR C 8 17.99 -9.53 17.10
N MET C 9 17.40 -8.32 17.06
CA MET C 9 18.17 -7.10 16.78
C MET C 9 19.04 -6.71 18.00
C1 GOL D . 19.39 -22.78 -3.20
O1 GOL D . 18.85 -23.39 -4.35
C2 GOL D . 19.21 -23.60 -1.93
O2 GOL D . 18.04 -24.41 -2.01
C3 GOL D . 19.11 -22.61 -0.77
O3 GOL D . 19.18 -23.23 0.52
C1 GOL E . 1.22 -4.76 4.87
O1 GOL E . 1.99 -4.01 3.95
C2 GOL E . 1.64 -4.56 6.31
O2 GOL E . 0.53 -4.14 7.10
C3 GOL E . 2.17 -5.88 6.83
O3 GOL E . 2.60 -5.83 8.19
C ACT F . 5.64 15.35 7.86
O ACT F . 5.32 14.58 6.92
OXT ACT F . 5.94 15.00 9.04
CH3 ACT F . 5.64 16.86 7.55
#